data_8FA0
#
_entry.id   8FA0
#
_cell.length_a   61.213
_cell.length_b   66.970
_cell.length_c   90.351
_cell.angle_alpha   90.00
_cell.angle_beta   90.00
_cell.angle_gamma   90.00
#
_symmetry.space_group_name_H-M   'P 21 21 21'
#
loop_
_entity.id
_entity.type
_entity.pdbx_description
1 polymer 'HIV-1 gp120 core'
2 non-polymer 2-acetamido-2-deoxy-beta-D-glucopyranose
3 non-polymer N-{(1S)-2-amino-1-[4,5-bis(hydroxymethyl)-1,3-thiazol-2-yl]ethyl}-5-(4-chloro-3,5-difluorophenyl)-1H-pyrrole-2-carboxamide
4 non-polymer '4-(2-HYDROXYETHYL)-1-PIPERAZINE ETHANESULFONIC ACID'
5 water water
#
_entity_poly.entity_id   1
_entity_poly.type   'polypeptide(L)'
_entity_poly.pdbx_seq_one_letter_code
;VWKDADTTLFCASDAKAHETEVHNVWATHACVPTDPNPQEIHLENVTENFNMWKNNMVEQMQEDVISLWDQSLQPCVKLT
GGSVIKQACPKISFDPIPIHYCTPAGYVILKCNDKNFNGTGPCKNVSSVQCTHGIKPVVSTQLLLNGSLAEEEIIIRSEN
LTNNAKTIIVHLNKSVEINCTRPSNGGSGSGGDIRKAYCEINGTKWNKVLKQVTEKLKEHFNNKTIIFQPPSGGDLEITM
HSFNCRGEFFYCNTTQLFNNTCIGNETMKGCNGTITLPCKIKQIINMWQGTGQAMYAPPIDGKINCVSNITGILLTRDGG
ANNTSNETFRPGGGNIKDNWRSELYKYKVVQIE
;
_entity_poly.pdbx_strand_id   A
#
loop_
_chem_comp.id
_chem_comp.type
_chem_comp.name
_chem_comp.formula
EPE non-polymer '4-(2-HYDROXYETHYL)-1-PIPERAZINE ETHANESULFONIC ACID' 'C8 H18 N2 O4 S'
NAG D-saccharide, beta linking 2-acetamido-2-deoxy-beta-D-glucopyranose 'C8 H15 N O6'
XKR non-polymer N-{(1S)-2-amino-1-[4,5-bis(hydroxymethyl)-1,3-thiazol-2-yl]ethyl}-5-(4-chloro-3,5-difluorophenyl)-1H-pyrrole-2-carboxamide 'C18 H17 Cl F2 N4 O3 S'
#
# COMPACT_ATOMS: atom_id res chain seq x y z
N VAL A 1 -9.40 30.98 -10.48
CA VAL A 1 -10.43 30.12 -9.90
C VAL A 1 -10.38 28.74 -10.55
N TRP A 2 -10.90 27.74 -9.85
CA TRP A 2 -10.76 26.36 -10.28
C TRP A 2 -11.94 25.54 -9.81
N LYS A 3 -12.17 24.42 -10.51
CA LYS A 3 -13.25 23.50 -10.20
C LYS A 3 -12.71 22.07 -10.15
N ASP A 4 -13.37 21.23 -9.36
CA ASP A 4 -13.00 19.82 -9.27
C ASP A 4 -13.22 19.12 -10.60
N ALA A 5 -12.22 18.35 -11.04
CA ALA A 5 -12.35 17.67 -12.32
C ALA A 5 -11.58 16.37 -12.29
N ASP A 6 -12.02 15.44 -13.12
CA ASP A 6 -11.25 14.26 -13.46
C ASP A 6 -10.65 14.45 -14.85
N THR A 7 -9.39 14.06 -15.00
CA THR A 7 -8.71 14.19 -16.28
C THR A 7 -7.75 13.01 -16.43
N THR A 8 -7.09 12.96 -17.59
CA THR A 8 -6.09 11.94 -17.87
C THR A 8 -4.71 12.49 -17.49
N LEU A 9 -4.10 11.89 -16.47
CA LEU A 9 -2.78 12.30 -16.00
C LEU A 9 -1.67 11.58 -16.78
N PHE A 10 -0.44 12.04 -16.59
CA PHE A 10 0.73 11.38 -17.15
C PHE A 10 1.75 11.18 -16.03
N CYS A 11 2.58 10.14 -16.17
CA CYS A 11 3.53 9.83 -15.11
C CYS A 11 4.95 10.30 -15.45
N ALA A 12 5.74 10.44 -14.40
CA ALA A 12 7.14 10.82 -14.54
C ALA A 12 7.94 10.00 -13.55
N SER A 13 9.21 9.80 -13.84
CA SER A 13 10.03 8.97 -12.97
C SER A 13 11.50 9.22 -13.27
N ASP A 14 12.36 8.66 -12.42
CA ASP A 14 13.81 8.64 -12.67
C ASP A 14 14.25 7.27 -13.17
N ALA A 15 13.44 6.66 -14.03
CA ALA A 15 13.80 5.39 -14.64
C ALA A 15 15.11 5.51 -15.40
N LYS A 16 16.07 4.66 -15.06
CA LYS A 16 17.32 4.57 -15.84
C LYS A 16 17.00 3.80 -17.11
N ALA A 17 17.09 4.46 -18.27
CA ALA A 17 16.92 3.75 -19.53
C ALA A 17 17.93 2.62 -19.73
N HIS A 18 19.05 2.66 -19.00
CA HIS A 18 20.07 1.63 -19.15
C HIS A 18 19.69 0.32 -18.47
N GLU A 19 18.73 0.33 -17.56
CA GLU A 19 18.50 -0.77 -16.62
C GLU A 19 17.61 -1.85 -17.20
N THR A 20 17.69 -3.03 -16.58
CA THR A 20 16.93 -4.22 -16.95
C THR A 20 15.74 -4.50 -16.03
N GLU A 21 15.63 -3.81 -14.90
CA GLU A 21 14.52 -4.03 -13.97
C GLU A 21 13.19 -3.61 -14.61
N VAL A 22 12.14 -4.40 -14.36
CA VAL A 22 10.91 -4.26 -15.14
C VAL A 22 10.22 -2.93 -14.88
N HIS A 23 10.34 -2.37 -13.67
CA HIS A 23 9.75 -1.05 -13.42
C HIS A 23 10.49 0.04 -14.18
N ASN A 24 11.82 -0.02 -14.24
CA ASN A 24 12.54 0.93 -15.10
C ASN A 24 12.16 0.73 -16.56
N VAL A 25 12.23 -0.50 -17.06
CA VAL A 25 11.73 -0.76 -18.41
C VAL A 25 10.38 -0.10 -18.61
N TRP A 26 9.42 -0.43 -17.76
CA TRP A 26 8.09 0.11 -17.94
C TRP A 26 8.08 1.64 -17.89
N ALA A 27 8.71 2.22 -16.86
CA ALA A 27 8.67 3.67 -16.74
C ALA A 27 9.37 4.35 -17.91
N THR A 28 10.38 3.69 -18.48
CA THR A 28 11.16 4.31 -19.56
C THR A 28 10.27 4.67 -20.74
N HIS A 29 9.42 3.74 -21.17
CA HIS A 29 8.54 4.01 -22.30
C HIS A 29 7.17 4.54 -21.90
N ALA A 30 6.84 4.56 -20.60
CA ALA A 30 5.52 5.04 -20.18
C ALA A 30 5.54 6.40 -19.49
N CYS A 31 6.63 6.77 -18.83
CA CYS A 31 6.71 8.04 -18.11
C CYS A 31 7.76 8.94 -18.78
N VAL A 32 7.66 10.23 -18.48
CA VAL A 32 8.69 11.20 -18.88
C VAL A 32 9.66 11.38 -17.72
N PRO A 33 10.79 12.07 -17.91
CA PRO A 33 11.67 12.33 -16.77
C PRO A 33 11.03 13.30 -15.80
N THR A 34 11.45 13.21 -14.54
CA THR A 34 10.93 14.09 -13.52
C THR A 34 11.45 15.51 -13.75
N ASP A 35 10.60 16.47 -13.38
CA ASP A 35 10.97 17.87 -13.46
C ASP A 35 12.17 18.14 -12.55
N PRO A 36 13.29 18.64 -13.06
CA PRO A 36 14.44 18.89 -12.19
C PRO A 36 14.26 20.10 -11.28
N ASN A 37 13.36 21.03 -11.63
CA ASN A 37 13.04 22.20 -10.81
C ASN A 37 11.54 22.29 -10.59
N PRO A 38 10.99 21.40 -9.77
CA PRO A 38 9.54 21.45 -9.51
C PRO A 38 9.16 22.66 -8.65
N GLN A 39 8.06 23.30 -9.02
CA GLN A 39 7.51 24.42 -8.27
C GLN A 39 6.32 23.98 -7.43
N GLU A 40 6.11 24.70 -6.34
CA GLU A 40 4.94 24.53 -5.49
C GLU A 40 4.49 25.90 -5.01
N ILE A 41 3.22 26.23 -5.25
CA ILE A 41 2.69 27.56 -4.95
C ILE A 41 1.72 27.45 -3.79
N HIS A 42 2.12 28.00 -2.64
CA HIS A 42 1.21 28.06 -1.50
C HIS A 42 0.05 29.01 -1.82
N LEU A 43 -1.17 28.54 -1.59
CA LEU A 43 -2.36 29.34 -1.80
C LEU A 43 -2.79 29.92 -0.46
N GLU A 44 -2.63 31.24 -0.32
CA GLU A 44 -2.87 31.89 0.96
C GLU A 44 -4.35 32.15 1.19
N ASN A 45 -4.81 31.87 2.40
CA ASN A 45 -6.19 32.10 2.80
C ASN A 45 -7.18 31.21 2.05
N VAL A 46 -6.70 30.09 1.49
CA VAL A 46 -7.53 29.16 0.72
C VAL A 46 -7.76 27.90 1.55
N THR A 47 -9.02 27.50 1.64
CA THR A 47 -9.41 26.22 2.25
C THR A 47 -10.16 25.41 1.21
N GLU A 48 -9.75 24.16 1.02
CA GLU A 48 -10.32 23.33 -0.02
C GLU A 48 -10.88 22.04 0.56
N ASN A 49 -11.48 21.26 -0.32
CA ASN A 49 -12.38 20.17 0.02
C ASN A 49 -11.82 18.87 -0.54
N PHE A 50 -11.31 18.00 0.34
CA PHE A 50 -10.65 16.77 -0.09
C PHE A 50 -11.49 15.55 0.27
N ASN A 51 -11.30 14.46 -0.51
CA ASN A 51 -11.99 13.21 -0.21
C ASN A 51 -11.16 12.05 -0.78
N MET A 52 -10.27 11.47 0.06
CA MET A 52 -9.35 10.42 -0.42
C MET A 52 -10.11 9.19 -0.92
N TRP A 53 -11.34 8.96 -0.42
CA TRP A 53 -12.06 7.76 -0.80
C TRP A 53 -12.82 7.91 -2.13
N LYS A 54 -12.86 9.11 -2.68
CA LYS A 54 -13.46 9.37 -3.98
C LYS A 54 -12.54 10.32 -4.73
N ASN A 55 -11.41 9.77 -5.18
CA ASN A 55 -10.39 10.49 -5.93
C ASN A 55 -10.09 9.67 -7.17
N ASN A 56 -10.34 10.25 -8.35
CA ASN A 56 -10.07 9.55 -9.59
C ASN A 56 -8.60 9.24 -9.76
N MET A 57 -7.72 9.95 -9.04
CA MET A 57 -6.30 9.65 -9.18
C MET A 57 -6.00 8.22 -8.82
N VAL A 58 -6.78 7.64 -7.91
CA VAL A 58 -6.51 6.28 -7.45
C VAL A 58 -6.88 5.27 -8.53
N GLU A 59 -7.98 5.52 -9.27
CA GLU A 59 -8.31 4.60 -10.36
C GLU A 59 -7.28 4.62 -11.48
N GLN A 60 -6.58 5.75 -11.68
CA GLN A 60 -5.58 5.81 -12.75
C GLN A 60 -4.24 5.17 -12.36
N MET A 61 -3.86 5.25 -11.09
CA MET A 61 -2.68 4.50 -10.67
C MET A 61 -2.95 3.00 -10.79
N GLN A 62 -4.11 2.54 -10.32
CA GLN A 62 -4.49 1.15 -10.48
C GLN A 62 -4.31 0.69 -11.93
N GLU A 63 -4.88 1.43 -12.88
CA GLU A 63 -4.78 1.04 -14.28
C GLU A 63 -3.31 0.90 -14.71
N ASP A 64 -2.45 1.82 -14.27
CA ASP A 64 -1.03 1.74 -14.61
C ASP A 64 -0.35 0.55 -13.96
N VAL A 65 -0.60 0.26 -12.68
CA VAL A 65 0.11 -0.84 -12.05
C VAL A 65 -0.29 -2.17 -12.67
N ILE A 66 -1.55 -2.28 -13.11
CA ILE A 66 -1.98 -3.44 -13.89
C ILE A 66 -1.14 -3.58 -15.16
N SER A 67 -1.12 -2.53 -15.98
CA SER A 67 -0.37 -2.60 -17.22
C SER A 67 1.08 -3.02 -16.96
N LEU A 68 1.66 -2.52 -15.86
CA LEU A 68 3.05 -2.87 -15.54
C LEU A 68 3.19 -4.35 -15.23
N TRP A 69 2.30 -4.91 -14.39
CA TRP A 69 2.44 -6.32 -14.03
C TRP A 69 2.13 -7.25 -15.20
N ASP A 70 1.22 -6.84 -16.10
CA ASP A 70 0.85 -7.71 -17.21
C ASP A 70 1.95 -7.83 -18.23
N GLN A 71 2.79 -6.82 -18.36
CA GLN A 71 3.95 -6.93 -19.24
C GLN A 71 5.21 -7.39 -18.52
N SER A 72 5.26 -7.24 -17.20
CA SER A 72 6.43 -7.61 -16.42
C SER A 72 6.35 -9.02 -15.83
N LEU A 73 5.26 -9.34 -15.12
CA LEU A 73 5.10 -10.61 -14.43
C LEU A 73 4.26 -11.51 -15.30
N GLN A 74 4.92 -12.43 -16.01
CA GLN A 74 4.24 -13.32 -16.92
C GLN A 74 4.12 -14.70 -16.30
N PRO A 75 2.92 -15.21 -16.06
CA PRO A 75 2.79 -16.59 -15.57
C PRO A 75 3.07 -17.59 -16.68
N CYS A 76 3.34 -18.82 -16.27
CA CYS A 76 3.55 -19.90 -17.25
C CYS A 76 2.25 -20.50 -17.75
N VAL A 77 1.15 -20.37 -16.99
CA VAL A 77 -0.16 -20.88 -17.35
C VAL A 77 -1.19 -19.84 -16.91
N LYS A 78 -2.15 -19.53 -17.78
CA LYS A 78 -3.06 -18.40 -17.51
C LYS A 78 -4.40 -18.65 -18.21
N LEU A 79 -5.22 -17.60 -18.30
CA LEU A 79 -6.56 -17.66 -18.87
C LEU A 79 -7.37 -18.76 -18.19
N SER A 83 -10.01 -20.88 -21.83
CA SER A 83 -8.85 -21.27 -22.62
C SER A 83 -7.55 -21.22 -21.81
N VAL A 84 -7.14 -22.36 -21.27
CA VAL A 84 -5.96 -22.42 -20.42
C VAL A 84 -4.70 -22.40 -21.28
N ILE A 85 -4.01 -21.27 -21.29
CA ILE A 85 -2.84 -21.04 -22.13
C ILE A 85 -1.59 -21.41 -21.35
N LYS A 86 -0.57 -21.84 -22.09
CA LYS A 86 0.76 -22.08 -21.53
C LYS A 86 1.76 -21.24 -22.31
N GLN A 87 2.58 -20.47 -21.60
CA GLN A 87 3.42 -19.45 -22.22
C GLN A 87 4.78 -19.43 -21.53
N ALA A 88 5.54 -18.36 -21.78
CA ALA A 88 6.86 -18.19 -21.20
C ALA A 88 6.76 -17.35 -19.93
N CYS A 89 7.58 -17.69 -18.94
CA CYS A 89 7.58 -17.03 -17.62
C CYS A 89 9.02 -16.94 -17.13
N PRO A 90 9.86 -16.13 -17.77
CA PRO A 90 11.26 -16.04 -17.36
C PRO A 90 11.42 -15.29 -16.06
N LYS A 91 12.36 -15.75 -15.24
CA LYS A 91 12.73 -15.01 -14.05
C LYS A 91 13.16 -13.60 -14.43
N ILE A 92 12.86 -12.64 -13.57
CA ILE A 92 12.98 -11.23 -13.90
C ILE A 92 13.70 -10.52 -12.76
N SER A 93 14.18 -9.32 -13.08
CA SER A 93 14.68 -8.37 -12.10
C SER A 93 13.54 -7.44 -11.71
N PHE A 94 13.26 -7.37 -10.42
CA PHE A 94 12.04 -6.75 -9.89
C PHE A 94 12.39 -5.98 -8.64
N ASP A 95 12.14 -4.66 -8.66
CA ASP A 95 12.31 -3.78 -7.53
C ASP A 95 11.60 -2.45 -7.78
N PRO A 96 10.42 -2.24 -7.19
CA PRO A 96 9.61 -1.05 -7.56
C PRO A 96 10.39 0.25 -7.44
N ILE A 97 10.08 1.19 -8.32
CA ILE A 97 10.70 2.52 -8.29
C ILE A 97 9.60 3.56 -8.09
N PRO A 98 9.95 4.75 -7.63
CA PRO A 98 8.95 5.81 -7.46
C PRO A 98 8.41 6.35 -8.78
N ILE A 99 7.07 6.51 -8.84
CA ILE A 99 6.37 7.06 -9.99
C ILE A 99 5.68 8.34 -9.55
N HIS A 100 5.88 9.43 -10.29
CA HIS A 100 5.19 10.68 -10.06
C HIS A 100 4.01 10.77 -11.02
N TYR A 101 2.91 11.37 -10.54
CA TYR A 101 1.75 11.67 -11.38
C TYR A 101 1.59 13.17 -11.56
N CYS A 102 1.29 13.60 -12.79
CA CYS A 102 1.42 14.96 -13.23
C CYS A 102 0.21 15.30 -14.07
N THR A 103 -0.21 16.56 -14.02
CA THR A 103 -1.39 17.09 -14.70
C THR A 103 -1.01 17.75 -16.01
N PRO A 104 -1.81 17.54 -17.06
CA PRO A 104 -1.55 18.17 -18.34
C PRO A 104 -1.98 19.64 -18.31
N ALA A 105 -1.83 20.30 -19.45
CA ALA A 105 -2.16 21.72 -19.53
C ALA A 105 -3.61 21.96 -19.12
N GLY A 106 -3.86 23.14 -18.53
CA GLY A 106 -5.19 23.52 -18.10
C GLY A 106 -5.67 22.88 -16.81
N TYR A 107 -4.84 22.10 -16.13
CA TYR A 107 -5.21 21.48 -14.87
C TYR A 107 -4.07 21.63 -13.89
N VAL A 108 -4.39 21.46 -12.60
CA VAL A 108 -3.40 21.51 -11.54
C VAL A 108 -3.78 20.50 -10.48
N ILE A 109 -2.79 20.06 -9.71
CA ILE A 109 -3.00 19.24 -8.53
C ILE A 109 -2.91 20.15 -7.31
N LEU A 110 -3.86 19.98 -6.40
CA LEU A 110 -3.86 20.67 -5.13
C LEU A 110 -3.41 19.71 -4.04
N LYS A 111 -2.62 20.22 -3.11
CA LYS A 111 -1.97 19.43 -2.09
C LYS A 111 -2.37 19.95 -0.72
N CYS A 112 -2.85 19.06 0.13
CA CYS A 112 -3.12 19.41 1.51
C CYS A 112 -1.85 19.18 2.33
N ASN A 113 -1.40 20.21 3.05
CA ASN A 113 -0.19 20.12 3.84
C ASN A 113 -0.47 20.10 5.34
N ASP A 114 -1.73 20.00 5.74
CA ASP A 114 -2.07 19.92 7.16
C ASP A 114 -1.49 18.66 7.79
N LYS A 115 -0.67 18.85 8.82
CA LYS A 115 0.09 17.72 9.37
C LYS A 115 -0.79 16.57 9.82
N ASN A 116 -2.03 16.85 10.22
CA ASN A 116 -2.89 15.78 10.72
C ASN A 116 -4.15 15.62 9.90
N PHE A 117 -4.06 15.91 8.60
CA PHE A 117 -5.19 15.71 7.70
C PHE A 117 -5.52 14.22 7.63
N ASN A 118 -6.80 13.89 7.73
CA ASN A 118 -7.18 12.49 7.83
C ASN A 118 -7.62 11.88 6.49
N GLY A 119 -7.62 12.65 5.41
CA GLY A 119 -8.01 12.15 4.11
C GLY A 119 -9.38 12.62 3.65
N THR A 120 -10.15 13.26 4.54
CA THR A 120 -11.47 13.76 4.22
C THR A 120 -11.75 15.02 5.02
N GLY A 121 -12.44 15.97 4.41
CA GLY A 121 -12.77 17.21 5.09
C GLY A 121 -11.99 18.36 4.50
N PRO A 122 -12.20 19.55 5.06
CA PRO A 122 -11.48 20.73 4.59
C PRO A 122 -10.05 20.73 5.09
N CYS A 123 -9.20 21.43 4.36
CA CYS A 123 -7.79 21.52 4.68
C CYS A 123 -7.34 22.97 4.56
N LYS A 124 -6.63 23.46 5.58
CA LYS A 124 -6.34 24.89 5.71
C LYS A 124 -5.07 25.33 5.00
N ASN A 125 -4.09 24.45 4.85
CA ASN A 125 -2.79 24.80 4.29
C ASN A 125 -2.63 24.08 2.96
N VAL A 126 -3.03 24.73 1.88
CA VAL A 126 -3.06 24.12 0.56
C VAL A 126 -2.03 24.76 -0.36
N SER A 127 -1.41 23.95 -1.23
CA SER A 127 -0.53 24.44 -2.28
C SER A 127 -0.93 23.81 -3.61
N SER A 128 -0.34 24.32 -4.68
CA SER A 128 -0.56 23.83 -6.03
C SER A 128 0.75 23.32 -6.60
N VAL A 129 0.73 22.12 -7.16
CA VAL A 129 1.91 21.49 -7.75
C VAL A 129 1.53 20.89 -9.08
N GLN A 130 2.55 20.62 -9.90
CA GLN A 130 2.36 19.95 -11.17
C GLN A 130 2.43 18.43 -11.09
N CYS A 131 3.05 17.88 -10.04
CA CYS A 131 3.19 16.44 -9.91
C CYS A 131 3.10 16.04 -8.45
N THR A 132 2.66 14.81 -8.20
CA THR A 132 2.73 14.27 -6.85
C THR A 132 4.20 14.02 -6.49
N HIS A 133 4.45 13.57 -5.26
CA HIS A 133 5.76 13.03 -4.92
C HIS A 133 5.90 11.63 -5.54
N GLY A 134 7.07 11.05 -5.38
CA GLY A 134 7.35 9.73 -5.92
C GLY A 134 6.70 8.63 -5.10
N ILE A 135 5.81 7.89 -5.74
CA ILE A 135 5.04 6.84 -5.12
C ILE A 135 5.50 5.51 -5.68
N LYS A 136 5.92 4.59 -4.80
CA LYS A 136 6.27 3.24 -5.25
C LYS A 136 5.02 2.39 -5.32
N PRO A 137 4.74 1.70 -6.45
CA PRO A 137 3.55 0.83 -6.57
C PRO A 137 3.74 -0.54 -5.92
N VAL A 138 3.72 -0.54 -4.59
CA VAL A 138 3.94 -1.75 -3.79
C VAL A 138 2.61 -2.47 -3.56
N VAL A 139 2.49 -3.66 -4.13
CA VAL A 139 1.28 -4.46 -3.99
C VAL A 139 1.43 -5.40 -2.80
N SER A 140 0.52 -5.29 -1.83
CA SER A 140 0.58 -6.10 -0.63
C SER A 140 -0.78 -6.09 0.05
N THR A 141 -0.97 -7.06 0.97
CA THR A 141 -2.13 -7.14 1.84
C THR A 141 -1.70 -7.00 3.30
N GLN A 142 -2.64 -6.53 4.12
CA GLN A 142 -2.52 -6.45 5.58
C GLN A 142 -1.62 -5.30 6.01
N LEU A 143 -0.40 -5.27 5.47
CA LEU A 143 0.59 -4.27 5.85
C LEU A 143 0.97 -3.47 4.61
N LEU A 144 1.01 -2.15 4.75
CA LEU A 144 1.44 -1.24 3.71
C LEU A 144 2.94 -1.08 3.86
N LEU A 145 3.69 -1.39 2.81
CA LEU A 145 5.15 -1.44 2.87
C LEU A 145 5.77 -0.32 2.06
N ASN A 146 6.87 0.26 2.56
CA ASN A 146 7.70 1.16 1.77
C ASN A 146 7.00 2.47 1.38
N GLY A 147 5.92 2.82 2.05
CA GLY A 147 5.21 4.06 1.79
C GLY A 147 5.84 5.22 2.53
N SER A 148 5.07 6.30 2.62
CA SER A 148 5.47 7.42 3.45
C SER A 148 4.80 7.34 4.81
N LEU A 149 5.35 8.10 5.75
CA LEU A 149 4.90 8.11 7.14
C LEU A 149 4.15 9.39 7.45
N ALA A 150 3.18 9.30 8.34
CA ALA A 150 2.53 10.49 8.87
C ALA A 150 3.55 11.38 9.58
N GLU A 151 3.34 12.70 9.50
CA GLU A 151 4.35 13.64 9.96
C GLU A 151 4.29 13.93 11.46
N GLU A 152 3.19 13.59 12.13
CA GLU A 152 3.05 13.90 13.55
C GLU A 152 2.48 12.71 14.31
N GLU A 153 1.17 12.66 14.44
CA GLU A 153 0.51 11.57 15.16
C GLU A 153 0.11 10.46 14.20
N ILE A 154 -0.24 9.31 14.77
CA ILE A 154 -0.85 8.24 14.00
C ILE A 154 -2.20 8.72 13.50
N ILE A 155 -2.59 8.27 12.30
CA ILE A 155 -3.80 8.76 11.65
C ILE A 155 -4.68 7.57 11.32
N ILE A 156 -5.95 7.64 11.71
CA ILE A 156 -6.93 6.65 11.33
C ILE A 156 -7.68 7.18 10.12
N ARG A 157 -7.67 6.41 9.03
CA ARG A 157 -8.38 6.78 7.81
C ARG A 157 -9.47 5.76 7.55
N SER A 158 -10.63 6.25 7.18
CA SER A 158 -11.76 5.38 6.89
C SER A 158 -12.84 6.21 6.21
N GLU A 159 -13.53 5.58 5.26
CA GLU A 159 -14.65 6.23 4.59
C GLU A 159 -15.80 6.48 5.57
N ASN A 160 -15.94 5.63 6.58
CA ASN A 160 -17.01 5.77 7.58
C ASN A 160 -16.62 4.88 8.76
N LEU A 161 -16.06 5.49 9.81
CA LEU A 161 -15.61 4.73 10.98
C LEU A 161 -16.71 3.85 11.54
N THR A 162 -17.88 4.42 11.81
CA THR A 162 -18.92 3.65 12.46
C THR A 162 -19.49 2.56 11.55
N ASN A 163 -19.16 2.57 10.26
CA ASN A 163 -19.60 1.54 9.33
C ASN A 163 -18.53 0.47 9.24
N ASN A 164 -18.77 -0.68 9.86
CA ASN A 164 -17.74 -1.70 9.97
C ASN A 164 -17.37 -2.33 8.64
N ALA A 165 -18.15 -2.08 7.58
CA ALA A 165 -17.81 -2.62 6.27
C ALA A 165 -16.73 -1.80 5.55
N LYS A 166 -16.47 -0.56 5.97
CA LYS A 166 -15.45 0.26 5.31
C LYS A 166 -14.08 -0.08 5.89
N THR A 167 -13.10 -0.23 4.99
CA THR A 167 -11.75 -0.53 5.43
C THR A 167 -11.15 0.65 6.18
N ILE A 168 -10.29 0.33 7.14
CA ILE A 168 -9.56 1.33 7.93
C ILE A 168 -8.11 1.28 7.47
N ILE A 169 -7.54 2.46 7.21
CA ILE A 169 -6.11 2.62 6.96
C ILE A 169 -5.52 3.28 8.18
N VAL A 170 -4.64 2.57 8.89
CA VAL A 170 -3.82 3.16 9.93
C VAL A 170 -2.52 3.63 9.30
N HIS A 171 -2.19 4.89 9.51
CA HIS A 171 -0.99 5.51 8.94
C HIS A 171 0.01 5.76 10.06
N LEU A 172 1.10 5.02 10.06
CA LEU A 172 2.04 5.09 11.17
C LEU A 172 2.89 6.36 11.06
N ASN A 173 3.40 6.79 12.22
CA ASN A 173 4.41 7.85 12.27
C ASN A 173 5.80 7.29 12.52
N LYS A 174 5.95 5.99 12.72
CA LYS A 174 7.23 5.36 13.00
C LYS A 174 7.26 4.04 12.24
N SER A 175 8.32 3.82 11.47
CA SER A 175 8.44 2.62 10.67
C SER A 175 8.94 1.45 11.50
N VAL A 176 8.43 0.26 11.18
CA VAL A 176 8.94 -0.98 11.76
C VAL A 176 9.44 -1.84 10.60
N GLU A 177 10.73 -2.17 10.63
CA GLU A 177 11.31 -3.04 9.61
C GLU A 177 10.77 -4.45 9.72
N ILE A 178 10.45 -5.04 8.57
CA ILE A 178 10.19 -6.47 8.43
C ILE A 178 11.23 -7.02 7.48
N ASN A 179 11.84 -8.15 7.84
CA ASN A 179 13.03 -8.63 7.15
C ASN A 179 12.79 -10.09 6.73
N CYS A 180 12.54 -10.32 5.44
CA CYS A 180 12.09 -11.63 4.93
C CYS A 180 13.18 -12.32 4.10
N THR A 181 13.40 -13.60 4.37
CA THR A 181 14.48 -14.34 3.71
C THR A 181 13.95 -15.71 3.30
N ARG A 182 14.20 -16.09 2.05
CA ARG A 182 14.14 -17.49 1.67
C ARG A 182 15.58 -17.98 1.62
N PRO A 183 16.05 -18.69 2.64
CA PRO A 183 17.48 -18.97 2.75
C PRO A 183 18.05 -19.66 1.52
N SER A 184 19.24 -19.23 1.13
CA SER A 184 19.97 -19.86 0.03
C SER A 184 19.88 -21.38 0.09
N ASN A 185 20.09 -21.94 1.28
CA ASN A 185 19.85 -23.36 1.48
C ASN A 185 19.01 -23.56 2.74
N GLY A 192 16.65 -29.79 1.11
CA GLY A 192 16.18 -28.47 1.47
C GLY A 192 14.94 -28.04 0.71
N ASP A 193 14.00 -27.41 1.42
CA ASP A 193 12.74 -26.97 0.83
C ASP A 193 12.94 -25.58 0.25
N ILE A 194 12.82 -25.49 -1.08
CA ILE A 194 13.07 -24.23 -1.76
C ILE A 194 12.01 -23.19 -1.42
N ARG A 195 10.85 -23.61 -0.95
CA ARG A 195 9.72 -22.71 -0.74
C ARG A 195 9.62 -22.14 0.67
N LYS A 196 10.49 -22.54 1.58
CA LYS A 196 10.38 -22.14 2.99
C LYS A 196 11.08 -20.80 3.18
N ALA A 197 10.39 -19.86 3.84
CA ALA A 197 10.94 -18.54 4.08
C ALA A 197 10.43 -18.05 5.43
N TYR A 198 10.92 -16.89 5.86
CA TYR A 198 10.58 -16.36 7.17
C TYR A 198 10.86 -14.87 7.17
N CYS A 199 10.05 -14.14 7.95
CA CYS A 199 10.24 -12.71 8.18
C CYS A 199 10.50 -12.51 9.66
N GLU A 200 11.50 -11.69 9.97
CA GLU A 200 11.82 -11.34 11.35
C GLU A 200 11.36 -9.91 11.59
N ILE A 201 10.76 -9.68 12.76
CA ILE A 201 10.40 -8.33 13.18
C ILE A 201 10.79 -8.16 14.64
N ASN A 202 11.39 -7.02 14.97
CA ASN A 202 11.74 -6.73 16.34
C ASN A 202 10.45 -6.54 17.15
N GLY A 203 10.19 -7.46 18.09
CA GLY A 203 8.97 -7.39 18.86
C GLY A 203 8.89 -6.20 19.79
N THR A 204 10.03 -5.77 20.32
CA THR A 204 10.06 -4.56 21.12
C THR A 204 9.60 -3.35 20.30
N LYS A 205 10.05 -3.24 19.04
CA LYS A 205 9.63 -2.09 18.24
C LYS A 205 8.17 -2.22 17.78
N TRP A 206 7.76 -3.42 17.38
CA TRP A 206 6.42 -3.61 16.84
C TRP A 206 5.33 -3.48 17.90
N ASN A 207 5.56 -4.01 19.10
CA ASN A 207 4.53 -3.96 20.14
C ASN A 207 4.33 -2.56 20.70
N LYS A 208 5.40 -1.77 20.80
CA LYS A 208 5.26 -0.38 21.21
C LYS A 208 4.39 0.40 20.23
N VAL A 209 4.63 0.22 18.93
CA VAL A 209 3.84 0.94 17.94
C VAL A 209 2.42 0.41 17.91
N LEU A 210 2.24 -0.90 18.05
CA LEU A 210 0.89 -1.45 18.07
C LEU A 210 0.09 -0.93 19.26
N LYS A 211 0.74 -0.75 20.42
CA LYS A 211 0.03 -0.15 21.53
C LYS A 211 -0.28 1.32 21.31
N GLN A 212 0.48 1.99 20.44
CA GLN A 212 0.13 3.36 20.07
C GLN A 212 -1.09 3.41 19.17
N VAL A 213 -1.29 2.42 18.32
CA VAL A 213 -2.50 2.36 17.50
C VAL A 213 -3.71 2.04 18.36
N THR A 214 -3.54 1.14 19.34
CA THR A 214 -4.61 0.84 20.29
C THR A 214 -5.12 2.12 20.96
N GLU A 215 -4.21 2.91 21.52
CA GLU A 215 -4.63 4.13 22.20
C GLU A 215 -5.13 5.18 21.20
N LYS A 216 -4.69 5.11 19.94
CA LYS A 216 -5.27 5.98 18.93
C LYS A 216 -6.68 5.54 18.57
N LEU A 217 -6.89 4.23 18.43
CA LEU A 217 -8.23 3.74 18.11
C LEU A 217 -9.21 4.03 19.24
N LYS A 218 -8.73 4.25 20.47
CA LYS A 218 -9.63 4.55 21.59
C LYS A 218 -10.23 5.95 21.47
N GLU A 219 -9.44 6.92 20.98
CA GLU A 219 -9.97 8.26 20.80
C GLU A 219 -11.20 8.24 19.91
N HIS A 220 -11.24 7.33 18.94
CA HIS A 220 -12.31 7.29 17.95
C HIS A 220 -13.44 6.33 18.31
N PHE A 221 -13.21 5.41 19.25
CA PHE A 221 -14.22 4.43 19.63
C PHE A 221 -14.55 4.54 21.11
N ASN A 222 -14.71 5.78 21.58
CA ASN A 222 -15.27 6.05 22.90
C ASN A 222 -14.53 5.27 23.98
N ASN A 223 -13.20 5.23 23.89
CA ASN A 223 -12.38 4.54 24.87
C ASN A 223 -12.88 3.13 25.17
N LYS A 224 -13.63 2.52 24.26
CA LYS A 224 -13.96 1.12 24.38
C LYS A 224 -12.69 0.28 24.25
N THR A 225 -12.78 -0.97 24.70
CA THR A 225 -11.62 -1.85 24.66
C THR A 225 -11.29 -2.26 23.23
N ILE A 226 -10.00 -2.27 22.90
CA ILE A 226 -9.53 -2.55 21.53
C ILE A 226 -8.93 -3.95 21.53
N ILE A 227 -9.42 -4.80 20.64
CA ILE A 227 -9.01 -6.20 20.57
C ILE A 227 -8.61 -6.50 19.14
N PHE A 228 -7.48 -7.20 18.98
CA PHE A 228 -7.02 -7.70 17.70
C PHE A 228 -7.22 -9.21 17.63
N GLN A 229 -7.43 -9.71 16.42
CA GLN A 229 -7.68 -11.12 16.18
C GLN A 229 -7.13 -11.47 14.80
N PRO A 230 -7.00 -12.75 14.50
CA PRO A 230 -6.66 -13.16 13.13
C PRO A 230 -7.89 -13.06 12.25
N PRO A 231 -7.71 -12.85 10.95
CA PRO A 231 -8.86 -12.81 10.05
C PRO A 231 -9.65 -14.12 10.13
N SER A 232 -10.98 -13.98 10.12
CA SER A 232 -11.84 -15.15 10.30
C SER A 232 -11.75 -16.10 9.10
N GLY A 233 -11.40 -15.57 7.93
CA GLY A 233 -11.34 -16.40 6.74
C GLY A 233 -11.24 -15.56 5.48
N GLY A 234 -11.63 -16.14 4.36
CA GLY A 234 -11.52 -15.49 3.07
C GLY A 234 -10.32 -15.97 2.29
N ASP A 235 -9.96 -15.17 1.28
CA ASP A 235 -8.82 -15.51 0.45
C ASP A 235 -7.55 -15.62 1.29
N LEU A 236 -6.73 -16.62 0.98
CA LEU A 236 -5.38 -16.70 1.48
C LEU A 236 -4.71 -15.34 1.37
N GLU A 237 -4.92 -14.68 0.22
CA GLU A 237 -4.30 -13.37 -0.01
C GLU A 237 -4.70 -12.36 1.05
N ILE A 238 -5.86 -12.54 1.68
CA ILE A 238 -6.35 -11.62 2.69
C ILE A 238 -6.06 -12.11 4.11
N THR A 239 -6.14 -13.41 4.35
CA THR A 239 -5.86 -13.91 5.69
C THR A 239 -4.36 -13.89 6.03
N MET A 240 -3.51 -13.68 5.04
CA MET A 240 -2.07 -13.65 5.26
C MET A 240 -1.50 -12.37 4.67
N HIS A 241 -0.29 -12.02 5.10
CA HIS A 241 0.44 -10.91 4.53
C HIS A 241 1.12 -11.42 3.27
N SER A 242 0.61 -11.00 2.10
CA SER A 242 1.19 -11.39 0.83
C SER A 242 1.82 -10.17 0.14
N PHE A 243 2.84 -10.43 -0.66
CA PHE A 243 3.59 -9.38 -1.34
C PHE A 243 4.61 -10.03 -2.26
N ASN A 244 5.28 -9.20 -3.04
CA ASN A 244 6.23 -9.66 -4.04
C ASN A 244 7.62 -9.17 -3.65
N CYS A 245 8.52 -10.11 -3.50
CA CYS A 245 9.90 -9.79 -3.16
C CYS A 245 10.80 -10.33 -4.28
N ARG A 246 11.46 -9.43 -5.01
CA ARG A 246 12.39 -9.81 -6.08
C ARG A 246 11.71 -10.67 -7.14
N GLY A 247 10.41 -10.48 -7.35
CA GLY A 247 9.67 -11.26 -8.32
C GLY A 247 9.01 -12.52 -7.77
N GLU A 248 9.31 -12.92 -6.54
CA GLU A 248 8.71 -14.08 -5.91
C GLU A 248 7.51 -13.65 -5.05
N PHE A 249 6.42 -14.42 -5.13
CA PHE A 249 5.22 -14.16 -4.31
C PHE A 249 5.39 -14.79 -2.93
N PHE A 250 5.46 -13.95 -1.89
CA PHE A 250 5.56 -14.37 -0.49
C PHE A 250 4.20 -14.30 0.21
N TYR A 251 3.87 -15.35 0.96
CA TYR A 251 2.66 -15.41 1.78
C TYR A 251 3.08 -15.67 3.22
N CYS A 252 2.94 -14.66 4.07
CA CYS A 252 3.39 -14.75 5.46
C CYS A 252 2.24 -14.77 6.44
N ASN A 253 2.41 -15.57 7.49
CA ASN A 253 1.42 -15.78 8.53
C ASN A 253 1.63 -14.72 9.61
N THR A 254 0.63 -13.86 9.81
CA THR A 254 0.77 -12.70 10.67
C THR A 254 0.20 -12.91 12.04
N THR A 255 -0.09 -14.15 12.43
CA THR A 255 -0.72 -14.41 13.72
C THR A 255 0.02 -13.73 14.87
N GLN A 256 1.34 -13.89 14.92
CA GLN A 256 2.10 -13.36 16.05
C GLN A 256 2.11 -11.84 16.08
N LEU A 257 1.92 -11.17 14.93
CA LEU A 257 1.87 -9.71 14.92
C LEU A 257 0.68 -9.16 15.68
N PHE A 258 -0.42 -9.88 15.72
CA PHE A 258 -1.58 -9.35 16.44
C PHE A 258 -1.86 -10.21 17.66
N ASN A 259 -0.86 -10.29 18.55
CA ASN A 259 -0.90 -11.03 19.81
C ASN A 259 -1.24 -10.05 20.93
N ASN A 260 -2.52 -10.01 21.32
CA ASN A 260 -2.96 -9.04 22.31
C ASN A 260 -2.20 -9.17 23.62
N THR A 261 -1.51 -10.29 23.82
CA THR A 261 -0.86 -10.53 25.11
C THR A 261 0.17 -9.46 25.43
N CYS A 262 0.84 -8.90 24.42
CA CYS A 262 1.96 -8.02 24.65
C CYS A 262 1.61 -6.53 24.57
N ILE A 263 0.37 -6.18 24.24
CA ILE A 263 -0.05 -4.78 24.26
C ILE A 263 -0.26 -4.30 25.69
N ASN A 272 8.84 -9.61 23.78
CA ASN A 272 9.88 -8.58 23.80
C ASN A 272 11.02 -8.93 22.86
N GLY A 273 10.99 -10.13 22.28
CA GLY A 273 12.08 -10.63 21.46
C GLY A 273 11.84 -10.49 19.97
N THR A 274 12.67 -11.18 19.20
CA THR A 274 12.51 -11.21 17.77
C THR A 274 11.31 -12.09 17.40
N ILE A 275 10.44 -11.56 16.55
CA ILE A 275 9.32 -12.32 16.04
C ILE A 275 9.69 -12.88 14.67
N THR A 276 9.57 -14.19 14.51
CA THR A 276 9.78 -14.87 13.25
C THR A 276 8.43 -15.37 12.77
N LEU A 277 7.97 -14.83 11.63
CA LEU A 277 6.76 -15.30 10.97
C LEU A 277 7.09 -16.38 9.93
N PRO A 278 6.30 -17.45 9.90
CA PRO A 278 6.50 -18.48 8.87
C PRO A 278 5.89 -18.03 7.55
N CYS A 279 6.67 -18.15 6.47
CA CYS A 279 6.25 -17.69 5.16
C CYS A 279 6.40 -18.82 4.14
N LYS A 280 5.60 -18.73 3.08
CA LYS A 280 5.55 -19.70 2.01
C LYS A 280 5.63 -18.94 0.69
N ILE A 281 6.58 -19.31 -0.15
CA ILE A 281 6.61 -18.83 -1.52
C ILE A 281 5.65 -19.66 -2.35
N LYS A 282 4.69 -19.00 -3.01
CA LYS A 282 3.64 -19.69 -3.72
C LYS A 282 3.81 -19.49 -5.22
N GLN A 283 3.38 -20.48 -5.99
CA GLN A 283 3.40 -20.40 -7.44
C GLN A 283 2.02 -20.31 -8.07
N ILE A 284 1.00 -20.84 -7.41
CA ILE A 284 -0.40 -20.67 -7.81
C ILE A 284 -0.97 -19.50 -7.02
N ILE A 285 -1.32 -18.43 -7.73
CA ILE A 285 -1.79 -17.21 -7.10
C ILE A 285 -3.19 -16.89 -7.63
N ASN A 286 -3.97 -16.17 -6.83
CA ASN A 286 -5.12 -15.44 -7.35
C ASN A 286 -4.61 -14.04 -7.72
N MET A 287 -4.74 -13.68 -8.99
CA MET A 287 -4.22 -12.42 -9.50
C MET A 287 -5.00 -11.26 -8.91
N TRP A 288 -4.30 -10.37 -8.20
CA TRP A 288 -4.95 -9.19 -7.64
C TRP A 288 -5.56 -8.33 -8.73
N GLN A 289 -5.11 -8.47 -9.97
CA GLN A 289 -5.74 -7.82 -11.11
C GLN A 289 -7.12 -8.36 -11.39
N GLY A 290 -7.58 -9.39 -10.66
CA GLY A 290 -8.87 -9.98 -10.99
C GLY A 290 -8.88 -10.83 -12.23
N THR A 291 -7.71 -11.14 -12.79
CA THR A 291 -7.63 -11.92 -14.01
C THR A 291 -7.60 -13.43 -13.74
N GLY A 292 -7.79 -13.85 -12.49
CA GLY A 292 -7.99 -15.26 -12.20
C GLY A 292 -6.84 -15.92 -11.46
N GLN A 293 -6.67 -17.22 -11.70
CA GLN A 293 -5.68 -18.04 -11.03
C GLN A 293 -4.63 -18.46 -12.05
N ALA A 294 -3.35 -18.23 -11.74
CA ALA A 294 -2.29 -18.58 -12.68
C ALA A 294 -1.10 -19.18 -11.93
N MET A 295 -0.17 -19.75 -12.70
CA MET A 295 0.99 -20.44 -12.15
C MET A 295 2.24 -19.72 -12.61
N TYR A 296 3.03 -19.22 -11.66
CA TYR A 296 4.29 -18.56 -11.97
C TYR A 296 5.45 -19.55 -11.88
N ALA A 297 6.65 -19.08 -12.21
CA ALA A 297 7.83 -19.94 -12.27
C ALA A 297 8.43 -20.18 -10.88
N PRO A 298 9.10 -21.32 -10.70
CA PRO A 298 9.73 -21.62 -9.41
C PRO A 298 10.77 -20.56 -9.05
N PRO A 299 11.18 -20.51 -7.79
CA PRO A 299 12.00 -19.40 -7.32
C PRO A 299 13.44 -19.47 -7.85
N ILE A 300 14.07 -18.30 -7.89
CA ILE A 300 15.49 -18.25 -8.18
C ILE A 300 16.26 -18.84 -7.00
N ASP A 301 17.43 -19.38 -7.29
CA ASP A 301 18.31 -19.96 -6.29
C ASP A 301 19.02 -18.87 -5.50
N GLY A 302 19.49 -19.26 -4.32
CA GLY A 302 20.19 -18.35 -3.45
C GLY A 302 19.29 -17.72 -2.41
N LYS A 303 19.87 -16.77 -1.69
CA LYS A 303 19.17 -16.02 -0.65
C LYS A 303 18.26 -15.01 -1.32
N ILE A 304 16.96 -15.26 -1.33
CA ILE A 304 15.95 -14.28 -1.71
C ILE A 304 15.64 -13.46 -0.45
N ASN A 305 16.09 -12.21 -0.41
CA ASN A 305 15.97 -11.38 0.77
C ASN A 305 15.30 -10.06 0.40
N CYS A 306 14.43 -9.56 1.29
CA CYS A 306 13.85 -8.22 1.17
C CYS A 306 13.63 -7.61 2.55
N VAL A 307 14.17 -6.42 2.77
CA VAL A 307 13.94 -5.64 3.99
C VAL A 307 13.02 -4.48 3.64
N SER A 308 11.84 -4.43 4.26
CA SER A 308 10.85 -3.41 3.97
C SER A 308 10.49 -2.64 5.24
N ASN A 309 10.02 -1.41 5.07
CA ASN A 309 9.51 -0.64 6.19
C ASN A 309 8.00 -0.80 6.25
N ILE A 310 7.48 -1.31 7.36
CA ILE A 310 6.02 -1.29 7.54
C ILE A 310 5.63 0.15 7.83
N THR A 311 4.83 0.74 6.95
CA THR A 311 4.42 2.13 7.16
C THR A 311 2.91 2.31 7.37
N GLY A 312 2.11 1.26 7.24
CA GLY A 312 0.71 1.32 7.60
C GLY A 312 0.13 -0.05 7.78
N ILE A 313 -1.14 -0.08 8.24
CA ILE A 313 -1.86 -1.33 8.49
C ILE A 313 -3.29 -1.20 7.94
N LEU A 314 -3.76 -2.27 7.29
CA LEU A 314 -5.15 -2.32 6.83
C LEU A 314 -5.97 -3.14 7.80
N LEU A 315 -7.09 -2.59 8.26
CA LEU A 315 -7.90 -3.19 9.31
C LEU A 315 -9.36 -3.19 8.90
N THR A 316 -10.08 -4.20 9.38
CA THR A 316 -11.53 -4.27 9.28
C THR A 316 -12.06 -4.55 10.66
N ARG A 317 -12.99 -3.70 11.11
CA ARG A 317 -13.58 -3.85 12.43
C ARG A 317 -14.72 -4.85 12.40
N ASP A 318 -14.80 -5.69 13.44
CA ASP A 318 -15.87 -6.67 13.53
C ASP A 318 -17.23 -6.00 13.69
N GLY A 319 -18.26 -6.64 13.13
CA GLY A 319 -19.62 -6.20 13.27
C GLY A 319 -20.37 -6.99 14.32
N GLY A 320 -21.37 -6.36 14.92
CA GLY A 320 -22.20 -7.01 15.92
C GLY A 320 -21.77 -6.81 17.36
N ALA A 321 -21.05 -5.73 17.65
CA ALA A 321 -20.54 -5.49 19.00
C ALA A 321 -21.02 -4.18 19.60
N ASN A 322 -22.03 -3.52 19.00
CA ASN A 322 -22.60 -2.32 19.59
C ASN A 322 -23.23 -2.60 20.95
N ASN A 323 -23.33 -3.87 21.36
CA ASN A 323 -23.81 -4.24 22.69
C ASN A 323 -22.67 -4.32 23.69
N THR A 324 -21.54 -4.89 23.31
CA THR A 324 -20.40 -5.04 24.20
C THR A 324 -19.60 -3.74 24.29
N SER A 325 -18.70 -3.68 25.26
CA SER A 325 -17.71 -2.61 25.31
C SER A 325 -16.36 -3.07 24.77
N ASN A 326 -16.37 -3.96 23.77
CA ASN A 326 -15.19 -4.38 23.05
C ASN A 326 -15.33 -3.97 21.59
N GLU A 327 -14.19 -3.68 20.97
CA GLU A 327 -14.13 -3.46 19.52
C GLU A 327 -12.99 -4.31 18.99
N THR A 328 -13.31 -5.22 18.08
CA THR A 328 -12.33 -6.11 17.50
C THR A 328 -11.92 -5.63 16.10
N PHE A 329 -10.64 -5.78 15.79
CA PHE A 329 -10.11 -5.43 14.49
C PHE A 329 -9.28 -6.59 13.96
N ARG A 330 -9.31 -6.77 12.64
CA ARG A 330 -8.59 -7.86 12.01
C ARG A 330 -7.86 -7.29 10.79
N PRO A 331 -6.60 -7.67 10.58
CA PRO A 331 -5.87 -7.18 9.40
C PRO A 331 -6.53 -7.70 8.14
N GLY A 332 -6.80 -6.79 7.21
CA GLY A 332 -7.52 -7.14 6.00
C GLY A 332 -6.92 -6.50 4.75
N GLY A 333 -7.77 -6.20 3.77
CA GLY A 333 -7.31 -5.63 2.52
C GLY A 333 -7.85 -6.35 1.31
N GLY A 334 -7.01 -6.58 0.31
CA GLY A 334 -7.41 -7.22 -0.92
C GLY A 334 -7.83 -6.25 -2.01
N ASN A 335 -8.41 -5.12 -1.63
CA ASN A 335 -8.67 -4.05 -2.59
C ASN A 335 -7.37 -3.25 -2.70
N ILE A 336 -6.55 -3.61 -3.68
CA ILE A 336 -5.25 -2.98 -3.88
C ILE A 336 -5.39 -1.47 -4.12
N LYS A 337 -6.58 -1.00 -4.46
CA LYS A 337 -6.71 0.43 -4.64
C LYS A 337 -6.50 1.17 -3.32
N ASP A 338 -6.85 0.54 -2.20
CA ASP A 338 -6.62 1.17 -0.91
C ASP A 338 -5.13 1.39 -0.65
N ASN A 339 -4.26 0.55 -1.25
CA ASN A 339 -2.83 0.83 -1.18
C ASN A 339 -2.51 2.14 -1.89
N TRP A 340 -3.15 2.42 -3.03
CA TRP A 340 -2.85 3.67 -3.71
C TRP A 340 -3.46 4.85 -2.96
N ARG A 341 -4.66 4.65 -2.38
CA ARG A 341 -5.27 5.73 -1.63
C ARG A 341 -4.39 6.20 -0.48
N SER A 342 -3.75 5.26 0.22
CA SER A 342 -2.93 5.65 1.36
C SER A 342 -1.79 6.59 0.97
N GLU A 343 -1.46 6.70 -0.31
CA GLU A 343 -0.44 7.66 -0.71
C GLU A 343 -0.98 8.87 -1.45
N LEU A 344 -2.18 8.79 -2.04
CA LEU A 344 -2.75 9.88 -2.83
C LEU A 344 -3.79 10.66 -2.04
N TYR A 345 -3.99 10.31 -0.78
CA TYR A 345 -5.03 10.94 0.03
C TYR A 345 -4.87 12.45 0.14
N LYS A 346 -3.68 13.00 -0.05
CA LYS A 346 -3.45 14.43 0.13
C LYS A 346 -3.53 15.22 -1.18
N TYR A 347 -3.96 14.59 -2.27
CA TYR A 347 -3.95 15.25 -3.57
C TYR A 347 -5.32 15.15 -4.20
N LYS A 348 -5.60 16.07 -5.13
CA LYS A 348 -6.80 16.01 -5.95
C LYS A 348 -6.67 16.95 -7.14
N VAL A 349 -7.23 16.56 -8.25
CA VAL A 349 -7.11 17.30 -9.51
C VAL A 349 -8.22 18.35 -9.57
N VAL A 350 -7.90 19.52 -10.13
CA VAL A 350 -8.89 20.57 -10.37
C VAL A 350 -8.60 21.21 -11.74
N GLN A 351 -9.67 21.66 -12.38
CA GLN A 351 -9.62 22.33 -13.67
C GLN A 351 -9.64 23.85 -13.47
N ILE A 352 -8.80 24.55 -14.23
CA ILE A 352 -8.68 26.00 -14.15
C ILE A 352 -9.45 26.62 -15.31
N GLU A 353 -10.24 27.64 -15.01
CA GLU A 353 -11.03 28.35 -16.03
C GLU A 353 -10.26 29.55 -16.58
C1 NAG B . -11.92 13.29 9.09
C2 NAG B . -12.92 12.42 9.84
C3 NAG B . -14.36 12.83 9.49
C4 NAG B . -14.56 14.33 9.69
C5 NAG B . -13.48 15.12 8.96
C6 NAG B . -13.57 16.60 9.23
C7 NAG B . -12.05 10.17 10.34
C8 NAG B . -11.92 8.76 9.86
N2 NAG B . -12.70 11.02 9.53
O3 NAG B . -15.27 12.09 10.30
O4 NAG B . -15.85 14.71 9.21
O5 NAG B . -12.18 14.69 9.37
O6 NAG B . -13.59 16.85 10.61
O7 NAG B . -11.58 10.55 11.42
C1 NAG C . 2.06 24.81 5.26
C2 NAG C . 2.79 24.98 6.61
C3 NAG C . 4.30 25.16 6.40
C4 NAG C . 4.87 24.09 5.47
C5 NAG C . 4.07 24.06 4.18
C6 NAG C . 4.53 23.00 3.21
C7 NAG C . 1.07 26.10 7.96
C8 NAG C . 0.68 27.37 8.66
N2 NAG C . 2.25 26.11 7.33
O3 NAG C . 4.96 25.09 7.66
O4 NAG C . 6.23 24.39 5.17
O5 NAG C . 2.71 23.78 4.50
O6 NAG C . 4.83 21.79 3.89
O7 NAG C . 0.33 25.12 7.96
C1 NAG D . 11.01 -2.04 0.07
C2 NAG D . 11.11 -3.22 -0.91
C3 NAG D . 12.48 -3.89 -0.81
C4 NAG D . 13.58 -2.85 -0.98
C5 NAG D . 13.39 -1.82 0.11
C6 NAG D . 14.46 -0.75 0.12
C7 NAG D . 9.04 -4.41 -1.49
C8 NAG D . 8.06 -5.46 -1.06
N2 NAG D . 10.07 -4.18 -0.65
O3 NAG D . 12.59 -4.91 -1.80
O4 NAG D . 14.89 -3.42 -0.87
O5 NAG D . 12.13 -1.17 -0.11
O6 NAG D . 14.61 -0.18 -1.17
O7 NAG D . 8.93 -3.80 -2.56
C1 NAG E . -21.92 5.44 8.32
C2 NAG E . -23.08 6.05 7.51
C3 NAG E . -24.33 6.16 8.36
C4 NAG E . -24.68 4.82 8.99
C5 NAG E . -23.47 4.28 9.76
C6 NAG E . -23.69 2.89 10.31
C7 NAG E . -22.76 7.63 5.65
C8 NAG E . -22.35 9.02 5.25
N2 NAG E . -22.71 7.35 6.96
O3 NAG E . -25.42 6.60 7.54
O4 NAG E . -25.78 4.97 9.88
O5 NAG E . -22.33 4.19 8.88
O6 NAG E . -23.47 1.89 9.33
O7 NAG E . -23.12 6.79 4.82
C1 NAG F . 3.12 8.86 17.05
C2 NAG F . 4.17 9.52 17.97
C3 NAG F . 3.79 9.34 19.43
C4 NAG F . 2.36 9.80 19.68
C5 NAG F . 1.41 9.08 18.73
C6 NAG F . -0.02 9.55 18.86
C7 NAG F . 6.35 9.57 16.91
C8 NAG F . 7.67 8.88 16.71
N2 NAG F . 5.49 8.97 17.71
O3 NAG F . 4.69 10.09 20.23
O4 NAG F . 2.00 9.52 21.03
O5 NAG F . 1.81 9.34 17.38
O6 NAG F . -0.88 8.80 18.01
O7 NAG F . 6.10 10.63 16.36
C1 NAG G . 17.81 -9.26 7.63
C2 NAG G . 19.07 -8.54 8.09
C3 NAG G . 20.31 -9.35 7.67
C4 NAG G . 20.19 -10.80 8.10
C5 NAG G . 18.86 -11.38 7.64
C6 NAG G . 18.62 -12.78 8.17
C7 NAG G . 18.94 -6.09 8.25
C8 NAG G . 19.06 -4.79 7.52
N2 NAG G . 19.15 -7.20 7.53
O3 NAG G . 21.47 -8.76 8.24
O4 NAG G . 21.25 -11.56 7.54
O5 NAG G . 17.79 -10.56 8.14
O6 NAG G . 17.66 -13.47 7.38
O7 NAG G . 18.64 -6.13 9.45
C1 NAG H . 14.39 -3.65 19.19
C2 NAG H . 15.92 -3.73 19.29
C3 NAG H . 16.41 -3.05 20.56
C4 NAG H . 15.88 -1.63 20.63
C5 NAG H . 14.36 -1.63 20.53
C6 NAG H . 13.78 -0.24 20.47
C7 NAG H . 16.57 -5.75 18.07
C8 NAG H . 17.04 -7.17 18.19
N2 NAG H . 16.39 -5.10 19.22
O3 NAG H . 17.83 -3.04 20.55
O4 NAG H . 16.25 -1.01 21.86
O5 NAG H . 13.98 -2.30 19.32
O6 NAG H . 12.36 -0.25 20.60
O7 NAG H . 16.37 -5.22 16.99
C1 NAG I . -0.79 -19.31 11.16
C2 NAG I . -1.55 -20.51 10.60
C3 NAG I . -2.44 -21.13 11.69
C4 NAG I . -1.65 -21.40 12.96
C5 NAG I . -0.94 -20.13 13.41
C6 NAG I . -0.06 -20.35 14.61
C7 NAG I . -2.23 -20.74 8.26
C8 NAG I . -3.14 -20.21 7.18
N2 NAG I . -2.34 -20.14 9.45
O3 NAG I . -3.03 -22.33 11.20
O4 NAG I . -2.52 -21.85 13.99
O5 NAG I . -0.10 -19.68 12.35
O6 NAG I . 0.92 -21.35 14.35
O7 NAG I . -1.43 -21.64 8.06
C10 XKR J . -4.87 -10.60 -4.13
C13 XKR J . -2.52 -11.27 -4.70
C20 XKR J . -2.76 -9.47 -3.20
C21 XKR J . -10.91 -12.97 -6.82
C24 XKR J . -13.24 -11.84 -9.60
C26 XKR J . -12.72 -11.19 -7.13
C02 XKR J . -10.67 -14.76 -5.21
C03 XKR J . -9.79 -13.85 -6.07
C05 XKR J . -7.79 -12.27 -5.83
C07 XKR J . -6.87 -11.43 -4.96
C08 XKR J . -7.16 -10.49 -3.97
C09 XKR J . -5.93 -9.99 -3.45
C12 XKR J . -3.39 -10.44 -3.99
C14 XKR J . -1.11 -11.17 -4.61
C16 XKR J . -0.49 -10.19 -3.81
C18 XKR J . -1.36 -9.36 -3.12
C23 XKR J . -12.48 -11.99 -8.25
C27 XKR J . -13.66 -10.03 -6.87
F15 XKR J . -0.35 -11.98 -5.29
F19 XKR J . -0.85 -8.43 -2.37
N01 XKR J . -10.17 -15.79 -4.99
N04 XKR J . -8.92 -13.00 -5.29
N11 XKR J . -5.49 -11.46 -5.03
N22 XKR J . -11.44 -13.01 -8.04
O06 XKR J . -7.56 -12.35 -7.04
O25 XKR J . -14.64 -11.92 -9.46
O28 XKR J . -13.09 -8.82 -7.31
S29 XKR J . -11.66 -11.70 -5.83
CL17 XKR J . 1.20 -10.05 -3.72
H131 XKR J . -2.83 -11.96 -5.24
H201 XKR J . -3.25 -8.85 -2.71
H242 XKR J . -12.96 -12.50 -10.25
H241 XKR J . -13.01 -11.01 -10.06
H022 XKR J . -10.89 -14.32 -4.38
H021 XKR J . -11.53 -14.90 -5.64
H031 XKR J . -9.21 -14.38 -6.64
H081 XKR J . -8.01 -10.22 -3.67
H091 XKR J . -5.89 -9.35 -2.77
H272 XKR J . -13.89 -9.96 -5.93
H271 XKR J . -14.52 -10.15 -7.31
H011 XKR J . -10.25 -16.09 -4.16
H012 XKR J . -9.76 -16.17 -5.69
H041 XKR J . -9.08 -12.94 -4.45
H111 XKR J . -5.05 -11.97 -5.57
H251 XKR J . -14.91 -11.23 -9.03
H281 XKR J . -13.02 -8.29 -6.65
C10 XKR K . -6.85 -22.16 -14.67
C13 XKR K . -4.44 -22.14 -13.95
C20 XKR K . -5.22 -24.11 -15.00
C21 XKR K . -10.73 -17.64 -11.76
C24 XKR K . -9.62 -15.93 -8.57
C26 XKR K . -10.13 -18.31 -9.36
C02 XKR K . -12.69 -17.90 -13.26
C03 XKR K . -11.20 -17.75 -13.32
C05 XKR K . -9.12 -19.28 -13.79
C07 XKR K . -8.50 -20.53 -14.34
C08 XKR K . -9.05 -21.57 -15.10
C09 XKR K . -8.04 -22.56 -15.31
C12 XKR K . -5.52 -22.81 -14.55
C14 XKR K . -3.17 -22.71 -13.80
C16 XKR K . -2.87 -24.01 -14.25
C18 XKR K . -3.93 -24.69 -14.85
C23 XKR K . -10.06 -16.96 -9.64
C27 XKR K . -9.86 -19.13 -8.11
F15 XKR K . -2.21 -22.03 -13.22
F19 XKR K . -3.70 -25.90 -15.29
N01 XKR K . -13.10 -18.06 -14.35
N04 XKR K . -10.51 -18.98 -13.90
N11 XKR K . -7.17 -20.93 -14.05
N22 XKR K . -10.41 -16.60 -11.02
O06 XKR K . -8.41 -18.46 -13.21
O25 XKR K . -8.75 -14.96 -9.06
O28 XKR K . -8.67 -19.86 -8.26
S29 XKR K . -10.62 -19.16 -10.80
CL17 XKR K . -1.30 -24.72 -14.04
H131 XKR K . -4.54 -21.28 -13.62
H201 XKR K . -5.85 -24.65 -15.41
H242 XKR K . -9.21 -16.36 -7.81
H241 XKR K . -10.39 -15.49 -8.17
H022 XKR K . -12.93 -18.63 -12.68
H021 XKR K . -13.10 -17.13 -12.84
H031 XKR K . -11.04 -16.98 -13.89
H081 XKR K . -9.92 -21.62 -15.42
H091 XKR K . -8.18 -23.33 -15.81
H272 XKR K . -10.59 -19.73 -7.91
H271 XKR K . -9.80 -18.57 -7.32
H011 XKR K . -12.50 -18.31 -14.96
H012 XKR K . -13.97 -17.92 -14.45
H041 XKR K . -11.00 -19.54 -14.33
H111 XKR K . -6.63 -20.47 -13.58
H251 XKR K . -8.03 -15.00 -8.60
H281 XKR K . -8.85 -20.69 -8.31
N1 EPE L . -7.97 -27.03 -17.24
C2 EPE L . -8.85 -26.19 -16.41
C3 EPE L . -10.22 -26.09 -17.06
N4 EPE L . -10.18 -25.66 -18.44
C5 EPE L . -9.20 -26.31 -19.31
C6 EPE L . -7.85 -26.49 -18.61
C7 EPE L . -11.42 -25.23 -19.05
C8 EPE L . -11.23 -24.21 -20.14
O8 EPE L . -12.51 -23.83 -20.60
C9 EPE L . -6.63 -27.05 -16.64
C10 EPE L . -6.29 -28.44 -16.10
S EPE L . -4.56 -28.85 -16.39
O1S EPE L . -4.44 -30.09 -17.16
O2S EPE L . -3.89 -29.02 -15.09
O3S EPE L . -3.92 -27.78 -17.15
#